data_1JGD
#
_entry.id   1JGD
#
_cell.length_a   129.844
_cell.length_b   48.438
_cell.length_c   88.532
_cell.angle_alpha   90.00
_cell.angle_beta   121.291
_cell.angle_gamma   90.00
#
_symmetry.space_group_name_H-M   'C 1 2 1'
#
loop_
_entity.id
_entity.type
_entity.pdbx_description
1 polymer 'HUMAN LYMPHOCYTE ANTIGEN HLA-B27'
2 polymer BETA-2-MICROGLOBULIN
3 polymer 'peptide s10R'
4 non-polymer GLYCEROL
5 water water
#
loop_
_entity_poly.entity_id
_entity_poly.type
_entity_poly.pdbx_seq_one_letter_code
_entity_poly.pdbx_strand_id
1 'polypeptide(L)'
;GSHSMRYFHTSVSRPGRGEPRFITVGYVDDTLFVRFDSDAASPREEPRAPWIEQEGPEYWDRETQICKAKAQTDREDLRT
LLRYYNQSEAGSHTLQNMYGCDVGPDGRLLRGYHQHAYDGKDYIALNEDLSSWTAADTAAQITQRKWEAARVAEQLRAYL
EGECVEWLRRYLENGKETLQRADPPKTHVTHHPISDHEATLRCWALGFYPAEITLTWQRDGEDQTQDTELVETRPAGDRT
FQKWAAVVVPSGEEQRYTCHVQHEGLPKPLTLRWEP
;
A
2 'polypeptide(L)'
;MIQRTPKIQVYSRHPAENGKSNFLNCYVSGFHPSDIEVDLLKNGERIEKVEHSDLSFSKDWSFYLLYYTEFTPTEKDEYA
CRVNHVTLSQPKIVKWDRDM
;
B
3 'polypeptide(L)' RRLLRGHNQY C
#
# COMPACT_ATOMS: atom_id res chain seq x y z
N GLY A 1 -1.40 14.72 -14.57
CA GLY A 1 -2.76 14.28 -15.05
C GLY A 1 -3.84 14.17 -13.98
N SER A 2 -4.33 12.95 -13.76
CA SER A 2 -5.40 12.65 -12.80
C SER A 2 -4.81 12.40 -11.39
N HIS A 3 -5.54 12.69 -10.31
CA HIS A 3 -4.93 12.47 -9.01
C HIS A 3 -5.93 11.98 -8.00
N SER A 4 -5.41 11.50 -6.88
CA SER A 4 -6.32 10.96 -5.90
C SER A 4 -5.89 11.29 -4.49
N MET A 5 -6.84 11.19 -3.58
CA MET A 5 -6.50 11.34 -2.19
C MET A 5 -7.27 10.23 -1.52
N ARG A 6 -6.62 9.49 -0.63
CA ARG A 6 -7.28 8.40 0.05
C ARG A 6 -6.93 8.41 1.50
N TYR A 7 -7.90 8.17 2.37
CA TYR A 7 -7.55 7.95 3.77
C TYR A 7 -7.87 6.49 4.06
N PHE A 8 -6.93 5.77 4.63
CA PHE A 8 -7.13 4.37 4.92
C PHE A 8 -7.20 4.25 6.44
N HIS A 9 -8.10 3.39 6.93
CA HIS A 9 -8.20 3.23 8.34
C HIS A 9 -8.35 1.75 8.61
N THR A 10 -7.72 1.31 9.66
CA THR A 10 -7.81 -0.08 10.07
C THR A 10 -7.93 -0.12 11.59
N SER A 11 -9.00 -0.71 12.10
CA SER A 11 -9.09 -1.00 13.57
C SER A 11 -9.08 -2.48 13.73
N VAL A 12 -8.29 -2.94 14.68
CA VAL A 12 -8.21 -4.34 14.97
C VAL A 12 -8.49 -4.58 16.43
N SER A 13 -9.51 -5.36 16.73
CA SER A 13 -9.82 -5.62 18.13
C SER A 13 -8.81 -6.59 18.70
N ARG A 14 -8.58 -6.47 19.99
CA ARG A 14 -7.63 -7.32 20.70
C ARG A 14 -8.15 -7.62 22.09
N PRO A 15 -9.05 -8.59 22.16
N PRO A 15 -9.01 -8.62 22.18
CA PRO A 15 -9.74 -8.98 23.40
CA PRO A 15 -9.62 -9.01 23.45
C PRO A 15 -9.03 -8.69 24.72
C PRO A 15 -8.54 -9.45 24.40
N GLY A 16 -8.23 -9.62 25.20
N GLY A 16 -8.58 -8.94 25.62
CA GLY A 16 -7.55 -9.40 26.48
CA GLY A 16 -7.56 -9.31 26.60
C GLY A 16 -6.22 -8.67 26.29
C GLY A 16 -6.26 -8.57 26.42
N ARG A 17 -6.25 -7.56 25.54
CA ARG A 17 -5.05 -6.77 25.29
C ARG A 17 -5.35 -5.29 25.06
N GLY A 18 -6.43 -4.80 25.67
CA GLY A 18 -6.79 -3.41 25.52
C GLY A 18 -7.72 -3.09 24.35
N GLU A 19 -7.77 -1.82 23.98
CA GLU A 19 -8.69 -1.42 22.95
C GLU A 19 -8.14 -1.76 21.58
N PRO A 20 -9.01 -1.71 20.58
CA PRO A 20 -8.61 -1.96 19.20
C PRO A 20 -7.45 -1.07 18.79
N ARG A 21 -6.45 -1.64 18.14
CA ARG A 21 -5.41 -0.86 17.52
C ARG A 21 -6.06 -0.14 16.35
N PHE A 22 -5.81 1.16 16.24
CA PHE A 22 -6.37 1.97 15.17
C PHE A 22 -5.24 2.63 14.41
N ILE A 23 -5.13 2.36 13.10
CA ILE A 23 -4.07 2.96 12.31
C ILE A 23 -4.71 3.52 11.09
N THR A 24 -4.40 4.77 10.79
CA THR A 24 -4.90 5.39 9.61
C THR A 24 -3.81 6.20 8.95
N VAL A 25 -3.80 6.14 7.62
CA VAL A 25 -2.83 6.86 6.83
C VAL A 25 -3.55 7.57 5.69
N GLY A 26 -2.94 8.67 5.26
CA GLY A 26 -3.54 9.42 4.20
C GLY A 26 -2.53 9.42 3.07
N TYR A 27 -3.04 9.37 1.85
CA TYR A 27 -2.18 9.40 0.66
C TYR A 27 -2.72 10.39 -0.34
N VAL A 28 -1.83 11.02 -1.11
CA VAL A 28 -2.27 11.75 -2.25
C VAL A 28 -1.54 10.95 -3.33
N ASP A 29 -2.29 10.45 -4.31
CA ASP A 29 -1.71 9.55 -5.29
C ASP A 29 -0.93 8.44 -4.56
N ASP A 30 0.35 8.22 -4.91
CA ASP A 30 1.09 7.17 -4.21
C ASP A 30 1.98 7.67 -3.08
N THR A 31 1.72 8.87 -2.59
CA THR A 31 2.56 9.47 -1.57
C THR A 31 1.87 9.49 -0.24
N LEU A 32 2.47 8.83 0.74
CA LEU A 32 1.93 8.87 2.07
C LEU A 32 2.15 10.26 2.64
N PHE A 33 1.11 10.89 3.19
CA PHE A 33 1.35 12.22 3.71
C PHE A 33 0.96 12.44 5.16
N VAL A 34 0.08 11.60 5.72
CA VAL A 34 -0.24 11.69 7.15
C VAL A 34 -0.42 10.29 7.74
N ARG A 35 -0.21 10.15 9.03
CA ARG A 35 -0.42 8.87 9.68
C ARG A 35 -0.85 9.14 11.10
N PHE A 36 -1.67 8.24 11.61
CA PHE A 36 -2.07 8.32 13.00
C PHE A 36 -2.09 6.86 13.46
N ASP A 37 -1.51 6.57 14.62
CA ASP A 37 -1.50 5.24 15.16
C ASP A 37 -1.87 5.36 16.61
N SER A 38 -2.95 4.71 17.02
CA SER A 38 -3.42 4.85 18.37
C SER A 38 -2.46 4.29 19.42
N ASP A 39 -1.49 3.52 18.98
CA ASP A 39 -0.56 2.91 19.92
C ASP A 39 0.64 3.80 20.13
N ALA A 40 0.55 5.04 19.66
CA ALA A 40 1.63 6.01 19.84
C ALA A 40 1.50 6.61 21.22
N ALA A 41 2.59 7.16 21.77
N ALA A 41 2.59 7.20 21.73
CA ALA A 41 2.60 7.71 23.15
CA ALA A 41 2.54 7.88 23.02
C ALA A 41 1.31 8.46 23.52
C ALA A 41 1.84 9.22 22.79
N SER A 42 1.18 9.67 22.94
N SER A 42 0.63 9.37 23.32
CA SER A 42 -0.01 10.51 23.05
CA SER A 42 -0.15 10.58 23.12
C SER A 42 -0.31 10.77 21.60
C SER A 42 -0.40 10.83 21.64
N PRO A 43 -1.10 9.89 21.01
CA PRO A 43 -1.39 9.92 19.59
C PRO A 43 -1.75 11.24 18.92
N ARG A 44 -1.08 11.54 17.80
CA ARG A 44 -1.43 12.72 17.04
C ARG A 44 -1.25 12.39 15.59
N GLU A 45 -1.97 13.05 14.72
CA GLU A 45 -1.72 12.74 13.34
C GLU A 45 -0.41 13.43 13.02
N GLU A 46 0.49 12.77 12.31
CA GLU A 46 1.80 13.32 12.00
C GLU A 46 1.99 13.40 10.51
N PRO A 47 2.74 14.40 10.06
CA PRO A 47 3.01 14.53 8.64
C PRO A 47 4.02 13.43 8.20
N ARG A 48 3.90 13.04 6.94
CA ARG A 48 4.83 12.07 6.34
C ARG A 48 5.34 12.51 4.97
N ALA A 49 5.01 13.74 4.62
CA ALA A 49 5.41 14.34 3.36
C ALA A 49 5.73 15.80 3.66
N PRO A 50 6.73 16.36 3.00
CA PRO A 50 7.15 17.71 3.33
C PRO A 50 6.11 18.77 3.06
N TRP A 51 5.34 18.58 2.02
CA TRP A 51 4.42 19.62 1.62
C TRP A 51 3.21 19.77 2.55
N ILE A 52 3.04 18.88 3.52
CA ILE A 52 1.90 18.97 4.41
C ILE A 52 2.33 19.63 5.71
N GLU A 53 3.64 19.71 5.95
CA GLU A 53 4.10 20.28 7.21
C GLU A 53 3.67 21.70 7.35
N GLN A 54 3.50 22.40 6.23
CA GLN A 54 3.13 23.81 6.34
C GLN A 54 1.74 24.02 6.89
N GLU A 55 0.90 22.98 6.95
CA GLU A 55 -0.48 23.21 7.43
C GLU A 55 -0.41 23.65 8.89
N GLY A 56 -1.26 24.57 9.28
CA GLY A 56 -1.21 25.10 10.63
C GLY A 56 -1.67 24.18 11.75
N PRO A 57 -1.55 24.66 12.99
CA PRO A 57 -1.94 23.86 14.17
C PRO A 57 -3.41 23.51 14.15
N GLU A 58 -4.28 24.39 13.68
CA GLU A 58 -5.68 24.00 13.63
C GLU A 58 -5.98 22.77 12.73
N TYR A 59 -5.24 22.68 11.63
CA TYR A 59 -5.35 21.53 10.75
C TYR A 59 -4.97 20.28 11.50
N TRP A 60 -3.78 20.30 12.10
CA TRP A 60 -3.35 19.14 12.86
C TRP A 60 -4.25 18.83 14.04
N ASP A 61 -4.77 19.84 14.72
CA ASP A 61 -5.67 19.55 15.83
C ASP A 61 -6.94 18.90 15.35
N ARG A 62 -7.47 19.40 14.25
CA ARG A 62 -8.71 18.83 13.74
C ARG A 62 -8.46 17.39 13.25
N GLU A 63 -7.37 17.20 12.53
CA GLU A 63 -7.05 15.86 12.07
C GLU A 63 -6.94 14.87 13.22
N THR A 64 -6.19 15.25 14.24
CA THR A 64 -6.02 14.37 15.38
C THR A 64 -7.37 14.11 16.06
N GLN A 65 -8.20 15.13 16.21
CA GLN A 65 -9.52 14.93 16.80
C GLN A 65 -10.32 13.91 16.01
N ILE A 66 -10.32 14.07 14.69
CA ILE A 66 -11.03 13.14 13.84
C ILE A 66 -10.48 11.73 13.97
N CYS A 67 -9.13 11.62 13.99
CA CYS A 67 -8.55 10.31 14.15
C CYS A 67 -8.95 9.68 15.47
N LYS A 68 -8.87 10.46 16.53
CA LYS A 68 -9.19 9.91 17.84
C LYS A 68 -10.63 9.50 17.88
N ALA A 69 -11.49 10.29 17.24
CA ALA A 69 -12.94 10.00 17.29
C ALA A 69 -13.26 8.71 16.54
N LYS A 70 -12.57 8.53 15.43
CA LYS A 70 -12.79 7.41 14.57
C LYS A 70 -12.33 6.13 15.28
N ALA A 71 -11.19 6.22 15.95
CA ALA A 71 -10.72 5.09 16.72
C ALA A 71 -11.82 4.69 17.70
N GLN A 72 -12.45 5.67 18.35
CA GLN A 72 -13.51 5.31 19.28
C GLN A 72 -14.76 4.80 18.63
N THR A 73 -15.14 5.38 17.52
CA THR A 73 -16.40 4.90 16.94
C THR A 73 -16.17 3.56 16.27
N ASP A 74 -14.98 3.35 15.74
CA ASP A 74 -14.64 2.03 15.20
C ASP A 74 -14.83 0.95 16.26
N ARG A 75 -14.53 1.27 17.52
CA ARG A 75 -14.71 0.30 18.56
C ARG A 75 -16.19 -0.04 18.67
N GLU A 76 -17.03 0.96 18.58
CA GLU A 76 -18.48 0.70 18.65
C GLU A 76 -18.94 -0.11 17.46
N ASP A 77 -18.43 0.23 16.29
CA ASP A 77 -18.83 -0.46 15.09
C ASP A 77 -18.36 -1.94 15.14
N LEU A 78 -17.16 -2.17 15.66
CA LEU A 78 -16.67 -3.54 15.84
C LEU A 78 -17.61 -4.29 16.81
N ARG A 79 -18.11 -3.62 17.85
CA ARG A 79 -19.01 -4.30 18.75
C ARG A 79 -20.30 -4.64 17.99
N THR A 80 -20.79 -3.70 17.22
CA THR A 80 -22.01 -3.97 16.47
C THR A 80 -21.81 -5.14 15.52
N LEU A 81 -20.71 -5.13 14.79
CA LEU A 81 -20.43 -6.23 13.86
C LEU A 81 -20.34 -7.55 14.57
N LEU A 82 -19.67 -7.56 15.71
CA LEU A 82 -19.60 -8.78 16.51
C LEU A 82 -21.00 -9.27 16.81
N ARG A 83 -21.88 -8.33 17.15
CA ARG A 83 -23.24 -8.68 17.53
C ARG A 83 -23.97 -9.24 16.30
N TYR A 84 -23.88 -8.54 15.19
CA TYR A 84 -24.57 -8.99 14.00
C TYR A 84 -24.14 -10.41 13.67
N TYR A 85 -22.84 -10.63 13.70
CA TYR A 85 -22.35 -11.93 13.30
C TYR A 85 -22.31 -12.96 14.38
N ASN A 86 -22.83 -12.62 15.56
CA ASN A 86 -22.86 -13.57 16.64
C ASN A 86 -21.47 -14.12 16.92
N GLN A 87 -20.48 -13.25 16.91
CA GLN A 87 -19.12 -13.72 17.14
C GLN A 87 -18.67 -13.58 18.58
N SER A 88 -17.65 -14.34 18.96
CA SER A 88 -17.20 -14.40 20.33
C SER A 88 -16.43 -13.16 20.66
N GLU A 89 -16.45 -12.78 21.92
CA GLU A 89 -15.68 -11.63 22.38
C GLU A 89 -14.21 -12.00 22.38
N ALA A 90 -13.91 -13.28 22.24
CA ALA A 90 -12.53 -13.71 22.36
C ALA A 90 -11.72 -13.54 21.11
N GLY A 91 -12.37 -13.39 19.96
CA GLY A 91 -11.63 -13.31 18.72
C GLY A 91 -11.26 -11.90 18.30
N SER A 92 -10.18 -11.76 17.55
CA SER A 92 -9.76 -10.48 16.99
C SER A 92 -10.49 -10.27 15.65
N HIS A 93 -11.03 -9.06 15.44
CA HIS A 93 -11.67 -8.73 14.18
C HIS A 93 -11.13 -7.43 13.63
N THR A 94 -11.35 -7.24 12.35
CA THR A 94 -10.79 -6.10 11.68
C THR A 94 -11.85 -5.30 11.00
N LEU A 95 -11.76 -3.97 11.12
CA LEU A 95 -12.69 -3.09 10.46
C LEU A 95 -11.86 -2.10 9.67
N GLN A 96 -12.03 -2.11 8.36
CA GLN A 96 -11.30 -1.19 7.49
C GLN A 96 -12.22 -0.24 6.81
N ASN A 97 -11.70 0.96 6.52
CA ASN A 97 -12.48 1.97 5.86
C ASN A 97 -11.52 2.73 4.97
N MET A 98 -11.88 2.86 3.70
CA MET A 98 -11.11 3.74 2.84
C MET A 98 -12.07 4.80 2.32
N TYR A 99 -11.67 6.09 2.26
CA TYR A 99 -12.52 7.05 1.57
C TYR A 99 -11.60 8.04 0.90
N GLY A 100 -12.13 8.75 -0.07
CA GLY A 100 -11.26 9.74 -0.75
C GLY A 100 -11.89 10.10 -2.08
N CYS A 101 -11.15 10.82 -2.89
CA CYS A 101 -11.70 11.29 -4.14
C CYS A 101 -10.61 11.26 -5.17
N ASP A 102 -11.02 11.24 -6.43
CA ASP A 102 -10.10 11.32 -7.56
C ASP A 102 -10.51 12.59 -8.25
N VAL A 103 -9.56 13.34 -8.82
CA VAL A 103 -9.86 14.49 -9.62
C VAL A 103 -9.24 14.27 -10.99
N GLY A 104 -9.84 14.89 -11.99
CA GLY A 104 -9.31 14.78 -13.35
C GLY A 104 -8.19 15.75 -13.51
N PRO A 105 -7.70 15.87 -14.73
CA PRO A 105 -6.56 16.75 -14.93
C PRO A 105 -6.98 18.20 -14.75
N ASP A 106 -8.28 18.47 -14.69
CA ASP A 106 -8.81 19.83 -14.49
C ASP A 106 -9.13 20.12 -13.02
N GLY A 107 -8.77 19.18 -12.16
CA GLY A 107 -9.00 19.31 -10.75
C GLY A 107 -10.45 19.08 -10.34
N ARG A 108 -11.32 18.66 -11.23
CA ARG A 108 -12.71 18.43 -10.85
C ARG A 108 -12.94 17.00 -10.39
N LEU A 109 -13.84 16.80 -9.44
CA LEU A 109 -14.18 15.47 -8.94
C LEU A 109 -14.44 14.50 -10.08
N LEU A 110 -13.75 13.37 -10.06
CA LEU A 110 -14.01 12.33 -11.04
C LEU A 110 -14.80 11.24 -10.35
N ARG A 111 -14.44 10.95 -9.12
CA ARG A 111 -15.12 9.91 -8.36
C ARG A 111 -14.84 10.05 -6.87
N GLY A 112 -15.83 9.74 -6.04
CA GLY A 112 -15.66 9.78 -4.60
C GLY A 112 -15.81 8.35 -4.13
N TYR A 113 -15.23 8.05 -2.98
CA TYR A 113 -15.29 6.71 -2.50
C TYR A 113 -15.51 6.75 -0.99
N HIS A 114 -16.20 5.75 -0.45
CA HIS A 114 -16.25 5.63 1.00
C HIS A 114 -16.79 4.20 1.22
N GLN A 115 -15.91 3.35 1.71
CA GLN A 115 -16.22 1.97 1.72
C GLN A 115 -15.59 1.32 2.88
N HIS A 116 -16.21 0.23 3.28
CA HIS A 116 -15.82 -0.45 4.49
C HIS A 116 -15.69 -1.95 4.28
N ALA A 117 -14.87 -2.59 5.09
CA ALA A 117 -14.69 -4.03 5.01
C ALA A 117 -14.65 -4.51 6.43
N TYR A 118 -15.21 -5.69 6.65
CA TYR A 118 -15.13 -6.31 7.98
C TYR A 118 -14.45 -7.61 7.75
N ASP A 119 -13.44 -7.85 8.56
CA ASP A 119 -12.59 -9.04 8.48
C ASP A 119 -12.09 -9.36 7.06
N GLY A 120 -11.78 -8.30 6.31
CA GLY A 120 -11.12 -8.44 5.03
C GLY A 120 -12.07 -8.59 3.85
N LYS A 121 -13.38 -8.57 4.13
CA LYS A 121 -14.39 -8.70 3.08
C LYS A 121 -15.18 -7.42 2.95
N ASP A 122 -15.55 -7.04 1.72
CA ASP A 122 -16.43 -5.88 1.56
C ASP A 122 -17.56 -5.96 2.54
N TYR A 123 -17.91 -4.84 3.17
CA TYR A 123 -19.07 -4.83 4.01
C TYR A 123 -20.08 -3.86 3.35
N ILE A 124 -19.74 -2.56 3.29
CA ILE A 124 -20.63 -1.64 2.60
C ILE A 124 -19.81 -0.57 1.89
N ALA A 125 -20.33 -0.11 0.76
CA ALA A 125 -19.58 0.86 -0.03
C ALA A 125 -20.50 1.87 -0.62
N LEU A 126 -20.07 3.11 -0.56
CA LEU A 126 -20.81 4.18 -1.23
C LEU A 126 -20.67 3.97 -2.73
N ASN A 127 -21.77 4.02 -3.48
CA ASN A 127 -21.66 3.84 -4.90
C ASN A 127 -21.15 5.10 -5.58
N GLU A 128 -20.76 4.98 -6.85
CA GLU A 128 -20.23 6.11 -7.59
C GLU A 128 -21.20 7.30 -7.63
N ASP A 129 -22.50 7.04 -7.61
CA ASP A 129 -23.44 8.16 -7.63
C ASP A 129 -23.40 8.98 -6.34
N LEU A 130 -22.68 8.44 -5.34
CA LEU A 130 -22.51 9.07 -4.05
C LEU A 130 -23.85 9.28 -3.39
N SER A 131 -24.82 8.45 -3.70
CA SER A 131 -26.13 8.65 -3.14
C SER A 131 -26.80 7.32 -2.77
N SER A 132 -26.13 6.23 -3.06
CA SER A 132 -26.67 4.90 -2.81
C SER A 132 -25.53 4.04 -2.36
N TRP A 133 -25.89 2.90 -1.78
CA TRP A 133 -24.92 2.01 -1.22
C TRP A 133 -24.95 0.63 -1.83
N THR A 134 -23.80 -0.04 -1.75
CA THR A 134 -23.73 -1.46 -2.06
C THR A 134 -23.37 -2.20 -0.81
N ALA A 135 -24.30 -3.01 -0.34
CA ALA A 135 -24.10 -3.82 0.85
C ALA A 135 -23.68 -5.20 0.41
N ALA A 136 -22.62 -5.73 0.99
CA ALA A 136 -22.13 -7.02 0.48
C ALA A 136 -22.83 -8.25 1.05
N ASP A 137 -23.52 -8.10 2.15
CA ASP A 137 -24.23 -9.24 2.74
C ASP A 137 -25.45 -8.80 3.52
N THR A 138 -26.09 -9.75 4.19
CA THR A 138 -27.32 -9.44 4.90
C THR A 138 -27.14 -8.55 6.11
N ALA A 139 -25.95 -8.58 6.70
CA ALA A 139 -25.73 -7.71 7.81
C ALA A 139 -25.54 -6.30 7.28
N ALA A 140 -24.71 -6.20 6.26
CA ALA A 140 -24.42 -4.89 5.70
C ALA A 140 -25.73 -4.26 5.15
N GLN A 141 -26.67 -5.07 4.67
CA GLN A 141 -27.97 -4.53 4.21
C GLN A 141 -28.71 -3.88 5.38
N ILE A 142 -28.50 -4.41 6.57
CA ILE A 142 -29.15 -3.76 7.76
C ILE A 142 -28.54 -2.38 7.96
N THR A 143 -27.22 -2.35 7.98
CA THR A 143 -26.52 -1.10 8.15
C THR A 143 -26.94 -0.15 7.03
N GLN A 144 -27.06 -0.67 5.84
CA GLN A 144 -27.38 0.21 4.71
C GLN A 144 -28.64 0.99 4.94
N ARG A 145 -29.70 0.31 5.42
CA ARG A 145 -30.94 1.03 5.67
C ARG A 145 -30.79 2.06 6.76
N LYS A 146 -30.03 1.72 7.78
CA LYS A 146 -29.81 2.72 8.84
C LYS A 146 -29.15 3.93 8.22
N TRP A 147 -28.15 3.70 7.39
CA TRP A 147 -27.41 4.82 6.85
C TRP A 147 -28.23 5.58 5.86
N GLU A 148 -29.13 4.88 5.18
CA GLU A 148 -30.04 5.60 4.30
C GLU A 148 -30.94 6.51 5.10
N ALA A 149 -31.49 5.96 6.18
CA ALA A 149 -32.40 6.77 6.97
C ALA A 149 -31.71 7.97 7.55
N ALA A 150 -30.44 7.80 7.91
CA ALA A 150 -29.70 8.87 8.58
C ALA A 150 -29.03 9.81 7.54
N ARG A 151 -29.28 9.56 6.28
CA ARG A 151 -28.78 10.41 5.22
C ARG A 151 -27.27 10.52 5.23
N VAL A 152 -26.59 9.41 5.51
CA VAL A 152 -25.13 9.39 5.55
C VAL A 152 -24.56 9.71 4.17
N ALA A 153 -25.16 9.14 3.13
CA ALA A 153 -24.56 9.33 1.80
C ALA A 153 -24.56 10.82 1.41
N GLU A 154 -25.61 11.54 1.77
CA GLU A 154 -25.67 12.97 1.46
C GLU A 154 -24.51 13.69 2.11
N GLN A 155 -24.21 13.33 3.36
CA GLN A 155 -23.11 13.98 4.08
C GLN A 155 -21.78 13.61 3.47
N LEU A 156 -21.60 12.35 3.13
CA LEU A 156 -20.37 11.95 2.45
C LEU A 156 -20.21 12.67 1.12
N ARG A 157 -21.29 12.70 0.36
CA ARG A 157 -21.27 13.37 -0.92
C ARG A 157 -20.85 14.82 -0.78
N ALA A 158 -21.39 15.50 0.23
CA ALA A 158 -21.05 16.89 0.50
C ALA A 158 -19.55 17.02 0.67
N TYR A 159 -18.97 16.11 1.44
CA TYR A 159 -17.54 16.12 1.66
C TYR A 159 -16.75 15.79 0.38
N LEU A 160 -17.14 14.69 -0.25
CA LEU A 160 -16.42 14.22 -1.44
C LEU A 160 -16.44 15.23 -2.57
N GLU A 161 -17.58 15.89 -2.76
CA GLU A 161 -17.71 16.90 -3.80
C GLU A 161 -17.11 18.23 -3.46
N GLY A 162 -16.88 18.48 -2.17
CA GLY A 162 -16.44 19.79 -1.71
C GLY A 162 -15.06 19.74 -1.13
N GLU A 163 -14.98 19.63 0.19
CA GLU A 163 -13.67 19.59 0.85
C GLU A 163 -12.66 18.56 0.28
N CYS A 164 -13.10 17.37 -0.02
CA CYS A 164 -12.15 16.34 -0.43
C CYS A 164 -11.35 16.85 -1.64
N VAL A 165 -12.04 17.31 -2.68
CA VAL A 165 -11.31 17.76 -3.88
C VAL A 165 -10.62 19.07 -3.64
N GLU A 166 -11.23 19.93 -2.82
CA GLU A 166 -10.61 21.20 -2.53
C GLU A 166 -9.25 20.97 -1.87
N TRP A 167 -9.22 20.09 -0.86
CA TRP A 167 -7.96 19.90 -0.14
C TRP A 167 -6.99 19.12 -1.00
N LEU A 168 -7.50 18.17 -1.77
CA LEU A 168 -6.61 17.45 -2.69
C LEU A 168 -5.91 18.45 -3.63
N ARG A 169 -6.67 19.38 -4.18
CA ARG A 169 -6.07 20.36 -5.09
C ARG A 169 -5.03 21.20 -4.38
N ARG A 170 -5.34 21.51 -3.15
CA ARG A 170 -4.43 22.28 -2.36
C ARG A 170 -3.16 21.52 -2.20
N TYR A 171 -3.27 20.25 -1.84
CA TYR A 171 -2.05 19.45 -1.60
C TYR A 171 -1.26 19.34 -2.91
N LEU A 172 -1.97 19.09 -4.00
CA LEU A 172 -1.32 18.97 -5.29
C LEU A 172 -0.52 20.23 -5.60
N GLU A 173 -1.10 21.41 -5.32
CA GLU A 173 -0.37 22.63 -5.57
C GLU A 173 0.78 22.79 -4.59
N ASN A 174 0.53 22.59 -3.32
CA ASN A 174 1.59 22.80 -2.35
C ASN A 174 2.73 21.79 -2.52
N GLY A 175 2.40 20.59 -2.97
CA GLY A 175 3.45 19.59 -3.17
C GLY A 175 3.75 19.38 -4.64
N LYS A 176 3.52 20.40 -5.45
CA LYS A 176 3.60 20.16 -6.88
C LYS A 176 5.01 19.73 -7.29
N GLU A 177 6.04 20.16 -6.57
CA GLU A 177 7.39 19.86 -7.01
C GLU A 177 7.68 18.37 -6.93
N THR A 178 6.89 17.62 -6.17
CA THR A 178 7.09 16.21 -6.06
C THR A 178 5.85 15.45 -6.56
N LEU A 179 4.66 15.89 -6.15
CA LEU A 179 3.45 15.16 -6.54
C LEU A 179 3.17 15.29 -8.00
N GLN A 180 3.57 16.41 -8.61
CA GLN A 180 3.23 16.57 -10.03
C GLN A 180 4.45 16.48 -10.92
N ARG A 181 5.50 15.88 -10.37
CA ARG A 181 6.72 15.70 -11.13
C ARG A 181 7.04 14.23 -11.21
N ALA A 182 6.47 13.51 -12.17
CA ALA A 182 6.69 12.07 -12.26
C ALA A 182 8.19 11.75 -12.37
N ASP A 183 8.66 10.78 -11.62
CA ASP A 183 10.07 10.44 -11.73
C ASP A 183 10.12 9.19 -12.59
N PRO A 184 10.70 9.29 -13.80
CA PRO A 184 10.74 8.15 -14.72
C PRO A 184 11.60 7.04 -14.12
N PRO A 185 11.39 5.80 -14.52
CA PRO A 185 12.22 4.71 -14.01
C PRO A 185 13.63 4.82 -14.58
N LYS A 186 14.59 4.40 -13.77
CA LYS A 186 15.93 4.16 -14.24
C LYS A 186 15.83 2.71 -14.70
N THR A 187 16.24 2.44 -15.93
CA THR A 187 15.99 1.08 -16.44
C THR A 187 17.23 0.37 -16.93
N HIS A 188 17.24 -0.95 -16.78
CA HIS A 188 18.37 -1.68 -17.32
C HIS A 188 17.99 -3.12 -17.44
N VAL A 189 18.69 -3.84 -18.31
CA VAL A 189 18.43 -5.26 -18.45
C VAL A 189 19.62 -6.05 -17.92
N THR A 190 19.36 -7.07 -17.13
CA THR A 190 20.43 -7.95 -16.67
C THR A 190 20.22 -9.30 -17.28
N HIS A 191 21.27 -10.11 -17.26
CA HIS A 191 21.27 -11.37 -17.97
C HIS A 191 21.82 -12.38 -16.98
N HIS A 192 21.10 -13.47 -16.78
CA HIS A 192 21.49 -14.45 -15.80
C HIS A 192 21.35 -15.86 -16.38
N PRO A 193 22.45 -16.47 -16.82
CA PRO A 193 22.39 -17.85 -17.33
C PRO A 193 21.79 -18.78 -16.30
N ILE A 194 20.88 -19.63 -16.74
CA ILE A 194 20.37 -20.62 -15.87
C ILE A 194 20.91 -22.01 -16.20
N SER A 195 21.60 -22.10 -17.33
CA SER A 195 22.30 -23.31 -17.78
C SER A 195 23.15 -22.78 -18.90
N ASP A 196 23.80 -23.66 -19.62
CA ASP A 196 24.57 -23.19 -20.75
C ASP A 196 23.70 -22.92 -21.94
N HIS A 197 22.41 -23.23 -21.81
CA HIS A 197 21.49 -23.14 -22.97
C HIS A 197 20.39 -22.11 -22.86
N GLU A 198 20.21 -21.56 -21.67
CA GLU A 198 19.14 -20.57 -21.43
C GLU A 198 19.62 -19.52 -20.45
N ALA A 199 19.00 -18.34 -20.50
CA ALA A 199 19.38 -17.31 -19.60
C ALA A 199 18.13 -16.49 -19.32
N THR A 200 18.08 -15.93 -18.13
CA THR A 200 16.99 -15.06 -17.78
C THR A 200 17.39 -13.66 -18.21
N LEU A 201 16.48 -12.94 -18.91
CA LEU A 201 16.71 -11.52 -19.18
C LEU A 201 15.74 -10.84 -18.22
N ARG A 202 16.24 -9.93 -17.43
CA ARG A 202 15.41 -9.27 -16.45
C ARG A 202 15.45 -7.80 -16.70
N CYS A 203 14.30 -7.25 -16.98
CA CYS A 203 14.22 -5.83 -17.30
C CYS A 203 13.82 -5.10 -16.02
N TRP A 204 14.65 -4.19 -15.58
CA TRP A 204 14.44 -3.50 -14.31
C TRP A 204 13.96 -2.08 -14.53
N ALA A 205 13.02 -1.65 -13.68
CA ALA A 205 12.58 -0.27 -13.65
C ALA A 205 12.69 0.11 -12.18
N LEU A 206 13.52 1.11 -11.89
CA LEU A 206 13.78 1.47 -10.50
C LEU A 206 13.60 2.98 -10.32
N GLY A 207 13.31 3.35 -9.08
CA GLY A 207 13.23 4.74 -8.69
C GLY A 207 12.13 5.52 -9.37
N PHE A 208 11.04 4.88 -9.72
CA PHE A 208 10.00 5.59 -10.42
C PHE A 208 8.82 5.99 -9.52
N TYR A 209 8.16 7.06 -9.91
CA TYR A 209 6.98 7.56 -9.22
C TYR A 209 6.14 8.25 -10.25
N PRO A 210 4.81 8.04 -10.30
CA PRO A 210 4.02 7.21 -9.39
C PRO A 210 4.20 5.71 -9.67
N ALA A 211 3.48 4.85 -8.96
CA ALA A 211 3.73 3.43 -9.05
C ALA A 211 3.31 2.78 -10.37
N GLU A 212 2.30 3.32 -11.00
CA GLU A 212 1.79 2.77 -12.23
C GLU A 212 2.91 2.70 -13.26
N ILE A 213 3.06 1.55 -13.89
CA ILE A 213 4.09 1.36 -14.90
C ILE A 213 3.75 0.10 -15.65
N THR A 214 4.17 0.02 -16.89
CA THR A 214 4.01 -1.23 -17.62
C THR A 214 5.37 -1.65 -18.15
N LEU A 215 5.72 -2.92 -17.94
CA LEU A 215 6.97 -3.48 -18.40
C LEU A 215 6.60 -4.70 -19.15
N THR A 216 7.09 -4.82 -20.38
CA THR A 216 6.73 -5.95 -21.19
C THR A 216 7.98 -6.36 -21.93
N TRP A 217 8.04 -7.64 -22.24
CA TRP A 217 9.12 -8.19 -23.05
C TRP A 217 8.54 -8.54 -24.38
N GLN A 218 9.28 -8.23 -25.43
CA GLN A 218 8.93 -8.65 -26.78
C GLN A 218 10.04 -9.48 -27.35
N ARG A 219 9.69 -10.40 -28.24
CA ARG A 219 10.68 -11.19 -28.96
C ARG A 219 10.39 -10.90 -30.40
N ASP A 220 11.38 -10.37 -31.14
CA ASP A 220 11.16 -9.90 -32.52
C ASP A 220 9.96 -8.98 -32.62
N GLY A 221 9.78 -8.10 -31.66
CA GLY A 221 8.66 -7.18 -31.68
C GLY A 221 7.31 -7.75 -31.32
N GLU A 222 7.26 -8.97 -30.78
CA GLU A 222 5.98 -9.59 -30.41
C GLU A 222 5.96 -9.82 -28.90
N ASP A 223 4.86 -9.43 -28.25
CA ASP A 223 4.75 -9.51 -26.79
C ASP A 223 4.88 -10.93 -26.31
N GLN A 224 5.61 -11.10 -25.23
CA GLN A 224 5.90 -12.39 -24.67
C GLN A 224 5.17 -12.49 -23.35
N THR A 225 3.96 -12.02 -23.39
CA THR A 225 3.15 -11.88 -22.21
C THR A 225 2.98 -13.20 -21.39
N GLN A 226 2.63 -14.29 -22.07
CA GLN A 226 2.39 -15.53 -21.36
C GLN A 226 3.65 -16.11 -20.73
N ASP A 227 4.83 -15.74 -21.25
CA ASP A 227 6.09 -16.27 -20.72
C ASP A 227 6.89 -15.31 -19.88
N THR A 228 6.30 -14.18 -19.55
CA THR A 228 7.00 -13.19 -18.80
C THR A 228 6.67 -13.30 -17.31
N GLU A 229 7.71 -13.27 -16.49
CA GLU A 229 7.53 -13.26 -15.04
C GLU A 229 7.56 -11.80 -14.63
N LEU A 230 6.54 -11.37 -13.94
CA LEU A 230 6.47 -9.98 -13.56
C LEU A 230 6.32 -9.90 -12.06
N VAL A 231 7.18 -9.19 -11.35
CA VAL A 231 7.00 -9.06 -9.92
C VAL A 231 6.09 -7.94 -9.62
N GLU A 232 5.45 -8.02 -8.49
CA GLU A 232 4.55 -6.95 -8.08
C GLU A 232 5.34 -5.69 -7.85
N THR A 233 4.77 -4.57 -8.23
CA THR A 233 5.51 -3.30 -8.06
C THR A 233 5.71 -3.13 -6.59
N ARG A 234 6.90 -2.66 -6.18
CA ARG A 234 7.23 -2.69 -4.78
C ARG A 234 7.88 -1.39 -4.40
N PRO A 235 7.65 -0.98 -3.16
CA PRO A 235 8.19 0.32 -2.75
C PRO A 235 9.69 0.26 -2.51
N ALA A 236 10.44 1.25 -2.99
CA ALA A 236 11.90 1.24 -2.72
C ALA A 236 12.19 1.69 -1.29
N GLY A 237 11.26 2.41 -0.68
CA GLY A 237 11.41 2.91 0.66
C GLY A 237 11.79 4.37 0.70
N ASP A 238 11.91 4.99 -0.47
CA ASP A 238 12.23 6.41 -0.54
C ASP A 238 11.16 7.11 -1.35
N ARG A 239 9.97 6.56 -1.31
CA ARG A 239 8.85 7.10 -2.03
C ARG A 239 8.78 6.71 -3.49
N THR A 240 9.77 6.01 -4.01
CA THR A 240 9.70 5.59 -5.39
C THR A 240 9.45 4.09 -5.37
N PHE A 241 9.28 3.51 -6.55
CA PHE A 241 8.92 2.13 -6.68
C PHE A 241 9.84 1.39 -7.64
N GLN A 242 9.76 0.06 -7.60
CA GLN A 242 10.60 -0.81 -8.42
C GLN A 242 9.72 -1.86 -9.01
N LYS A 243 10.14 -2.36 -10.15
CA LYS A 243 9.46 -3.48 -10.72
C LYS A 243 10.39 -4.11 -11.69
N TRP A 244 10.28 -5.41 -11.88
CA TRP A 244 11.02 -5.98 -13.00
C TRP A 244 10.17 -7.03 -13.69
N ALA A 245 10.57 -7.38 -14.90
CA ALA A 245 9.88 -8.35 -15.71
C ALA A 245 11.01 -9.22 -16.26
N ALA A 246 10.78 -10.51 -16.31
CA ALA A 246 11.83 -11.39 -16.76
C ALA A 246 11.29 -12.39 -17.74
N VAL A 247 12.17 -12.89 -18.57
CA VAL A 247 11.81 -13.94 -19.51
C VAL A 247 13.02 -14.84 -19.53
N VAL A 248 12.77 -16.11 -19.76
CA VAL A 248 13.87 -17.06 -19.92
C VAL A 248 14.04 -17.29 -21.41
N VAL A 249 15.24 -17.10 -21.95
CA VAL A 249 15.39 -17.17 -23.39
C VAL A 249 16.49 -18.17 -23.76
N PRO A 250 16.40 -18.73 -24.95
CA PRO A 250 17.42 -19.68 -25.37
C PRO A 250 18.72 -18.93 -25.60
N SER A 251 19.79 -19.53 -25.16
CA SER A 251 21.09 -18.90 -25.28
C SER A 251 21.31 -18.68 -26.74
N GLY A 252 21.73 -17.48 -27.09
CA GLY A 252 21.92 -17.19 -28.48
C GLY A 252 20.83 -16.27 -29.02
N GLU A 253 19.66 -16.27 -28.37
CA GLU A 253 18.54 -15.48 -28.88
C GLU A 253 18.31 -14.16 -28.14
N GLU A 254 19.17 -13.86 -27.17
CA GLU A 254 18.97 -12.67 -26.31
C GLU A 254 18.69 -11.41 -27.08
N GLN A 255 19.36 -11.23 -28.21
CA GLN A 255 19.20 -9.98 -28.91
C GLN A 255 17.88 -9.84 -29.67
N ARG A 256 17.07 -10.89 -29.65
CA ARG A 256 15.76 -10.85 -30.28
C ARG A 256 14.79 -10.22 -29.28
N TYR A 257 15.22 -10.09 -28.03
CA TYR A 257 14.31 -9.63 -27.00
C TYR A 257 14.48 -8.18 -26.65
N THR A 258 13.36 -7.47 -26.55
CA THR A 258 13.40 -6.10 -26.10
C THR A 258 12.40 -5.90 -24.97
N CYS A 259 12.77 -5.01 -24.07
CA CYS A 259 11.92 -4.68 -22.93
C CYS A 259 11.35 -3.32 -23.24
N HIS A 260 10.07 -3.20 -22.98
CA HIS A 260 9.31 -1.99 -23.25
C HIS A 260 8.75 -1.44 -21.94
N VAL A 261 9.00 -0.16 -21.73
CA VAL A 261 8.66 0.46 -20.47
C VAL A 261 7.77 1.64 -20.74
N GLN A 262 6.61 1.64 -20.07
CA GLN A 262 5.65 2.74 -20.15
C GLN A 262 5.49 3.31 -18.76
N HIS A 263 5.63 4.62 -18.66
CA HIS A 263 5.52 5.27 -17.37
C HIS A 263 5.27 6.72 -17.65
N GLU A 264 4.47 7.33 -16.81
CA GLU A 264 4.11 8.70 -17.13
C GLU A 264 5.28 9.64 -17.02
N GLY A 265 6.36 9.21 -16.37
CA GLY A 265 7.53 10.05 -16.27
C GLY A 265 8.38 10.01 -17.54
N LEU A 266 8.04 9.12 -18.46
CA LEU A 266 8.73 9.07 -19.73
C LEU A 266 7.93 9.76 -20.83
N PRO A 267 8.57 10.66 -21.54
CA PRO A 267 7.89 11.35 -22.66
C PRO A 267 7.39 10.31 -23.65
N LYS A 268 8.25 9.33 -23.92
CA LYS A 268 7.90 8.28 -24.83
C LYS A 268 8.29 6.92 -24.27
N PRO A 269 7.55 5.92 -24.63
CA PRO A 269 7.85 4.55 -24.20
C PRO A 269 9.32 4.18 -24.53
N LEU A 270 9.97 3.49 -23.61
CA LEU A 270 11.34 3.06 -23.79
C LEU A 270 11.35 1.65 -24.33
N THR A 271 12.39 1.35 -25.09
CA THR A 271 12.65 0.01 -25.57
C THR A 271 14.09 -0.20 -25.14
N LEU A 272 14.38 -1.26 -24.41
CA LEU A 272 15.75 -1.55 -24.06
C LEU A 272 16.08 -2.98 -24.37
N ARG A 273 17.37 -3.28 -24.50
CA ARG A 273 17.79 -4.64 -24.71
C ARG A 273 18.96 -4.91 -23.77
N TRP A 274 19.37 -6.15 -23.68
CA TRP A 274 20.53 -6.47 -22.90
C TRP A 274 21.71 -5.90 -23.67
N GLU A 275 22.57 -5.17 -22.98
CA GLU A 275 23.74 -4.56 -23.56
C GLU A 275 24.94 -5.14 -22.83
N PRO A 276 25.48 -6.25 -23.29
CA PRO A 276 26.58 -6.89 -22.55
C PRO A 276 27.78 -5.98 -22.64
N MET B 1 -15.08 -13.70 7.65
CA MET B 1 -13.63 -13.73 7.99
C MET B 1 -12.86 -14.36 6.85
N ILE B 2 -11.65 -13.85 6.57
CA ILE B 2 -10.83 -14.52 5.58
C ILE B 2 -9.42 -14.63 6.14
N GLN B 3 -8.61 -15.48 5.54
CA GLN B 3 -7.21 -15.55 5.87
C GLN B 3 -6.52 -15.43 4.52
N ARG B 4 -5.53 -14.58 4.43
CA ARG B 4 -4.77 -14.45 3.18
C ARG B 4 -3.33 -14.43 3.56
N THR B 5 -2.56 -15.33 2.98
CA THR B 5 -1.17 -15.44 3.37
C THR B 5 -0.36 -14.35 2.71
N PRO B 6 0.68 -13.85 3.34
CA PRO B 6 1.42 -12.78 2.72
C PRO B 6 2.31 -13.17 1.54
N LYS B 7 2.36 -12.30 0.54
CA LYS B 7 3.34 -12.40 -0.50
C LYS B 7 4.52 -11.70 0.12
N ILE B 8 5.72 -12.08 -0.28
CA ILE B 8 6.89 -11.51 0.33
C ILE B 8 7.88 -11.21 -0.74
N GLN B 9 8.45 -10.02 -0.70
CA GLN B 9 9.60 -9.73 -1.55
C GLN B 9 10.69 -9.15 -0.68
N VAL B 10 11.93 -9.59 -0.91
CA VAL B 10 13.04 -9.04 -0.17
C VAL B 10 13.97 -8.51 -1.22
N TYR B 11 14.45 -7.28 -1.06
CA TYR B 11 15.21 -6.68 -2.13
C TYR B 11 15.86 -5.47 -1.53
N SER B 12 16.76 -4.86 -2.29
CA SER B 12 17.47 -3.70 -1.80
C SER B 12 16.86 -2.45 -2.41
N ARG B 13 16.99 -1.32 -1.72
CA ARG B 13 16.48 -0.09 -2.26
C ARG B 13 17.20 0.29 -3.56
N HIS B 14 18.52 0.10 -3.63
CA HIS B 14 19.29 0.42 -4.82
C HIS B 14 19.98 -0.85 -5.25
N PRO B 15 20.44 -0.95 -6.49
CA PRO B 15 21.17 -2.15 -6.90
C PRO B 15 22.33 -2.32 -5.93
N ALA B 16 22.53 -3.56 -5.50
CA ALA B 16 23.56 -3.83 -4.53
C ALA B 16 24.93 -3.69 -5.12
N GLU B 17 25.79 -3.07 -4.33
CA GLU B 17 27.19 -2.94 -4.68
C GLU B 17 27.95 -3.24 -3.42
N ASN B 18 28.66 -4.35 -3.41
CA ASN B 18 29.38 -4.79 -2.21
C ASN B 18 30.19 -3.68 -1.60
N GLY B 19 30.04 -3.52 -0.30
CA GLY B 19 30.81 -2.51 0.41
C GLY B 19 30.11 -1.18 0.43
N LYS B 20 28.98 -1.07 -0.28
CA LYS B 20 28.26 0.20 -0.32
C LYS B 20 26.95 0.13 0.44
N SER B 21 26.76 1.08 1.35
CA SER B 21 25.55 1.15 2.13
C SER B 21 24.30 1.20 1.23
N ASN B 22 23.24 0.60 1.73
CA ASN B 22 22.02 0.43 0.97
C ASN B 22 20.90 0.20 1.99
N PHE B 23 19.74 -0.20 1.51
CA PHE B 23 18.68 -0.50 2.43
C PHE B 23 18.12 -1.83 2.01
N LEU B 24 17.97 -2.74 2.98
CA LEU B 24 17.39 -4.03 2.73
C LEU B 24 15.93 -3.90 3.06
N ASN B 25 15.07 -4.33 2.12
CA ASN B 25 13.62 -4.19 2.27
C ASN B 25 12.94 -5.53 2.26
N CYS B 26 11.91 -5.67 3.05
CA CYS B 26 11.12 -6.84 2.94
C CYS B 26 9.72 -6.32 2.89
N TYR B 27 9.07 -6.60 1.77
CA TYR B 27 7.76 -6.04 1.48
C TYR B 27 6.79 -7.19 1.59
N VAL B 28 5.87 -7.06 2.53
CA VAL B 28 4.87 -8.09 2.75
C VAL B 28 3.57 -7.49 2.36
N SER B 29 2.80 -8.20 1.55
CA SER B 29 1.55 -7.62 1.09
C SER B 29 0.52 -8.71 0.87
N GLY B 30 -0.72 -8.32 0.58
CA GLY B 30 -1.75 -9.27 0.20
C GLY B 30 -2.20 -10.10 1.37
N PHE B 31 -1.92 -9.69 2.60
CA PHE B 31 -2.21 -10.56 3.73
C PHE B 31 -3.38 -10.08 4.57
N HIS B 32 -4.03 -11.04 5.21
CA HIS B 32 -5.10 -10.71 6.12
C HIS B 32 -5.18 -11.91 7.04
N PRO B 33 -5.36 -11.73 8.35
CA PRO B 33 -5.54 -10.46 9.04
C PRO B 33 -4.17 -9.72 9.16
N SER B 34 -4.16 -8.58 9.83
CA SER B 34 -3.01 -7.66 9.76
C SER B 34 -1.83 -8.02 10.68
N ASP B 35 -2.04 -8.82 11.72
CA ASP B 35 -0.91 -9.16 12.58
C ASP B 35 0.08 -9.95 11.74
N ILE B 36 1.34 -9.60 11.79
CA ILE B 36 2.33 -10.31 11.04
C ILE B 36 3.64 -10.01 11.75
N GLU B 37 4.57 -10.92 11.66
CA GLU B 37 5.88 -10.73 12.24
C GLU B 37 6.86 -10.78 11.11
N VAL B 38 7.74 -9.78 11.04
CA VAL B 38 8.68 -9.73 9.95
C VAL B 38 10.01 -9.36 10.55
N ASP B 39 11.03 -10.16 10.27
CA ASP B 39 12.39 -9.88 10.69
C ASP B 39 13.25 -9.85 9.46
N LEU B 40 14.28 -9.00 9.46
CA LEU B 40 15.26 -9.07 8.40
C LEU B 40 16.39 -9.79 9.08
N LEU B 41 16.98 -10.77 8.40
CA LEU B 41 18.08 -11.55 8.96
C LEU B 41 19.38 -11.30 8.23
N LYS B 42 20.45 -11.31 8.99
CA LYS B 42 21.80 -11.21 8.44
C LYS B 42 22.49 -12.48 8.89
N ASN B 43 22.85 -13.34 7.95
CA ASN B 43 23.44 -14.63 8.30
C ASN B 43 22.63 -15.40 9.33
N GLY B 44 21.31 -15.48 9.12
CA GLY B 44 20.44 -16.22 9.99
C GLY B 44 20.08 -15.50 11.29
N GLU B 45 20.63 -14.32 11.50
CA GLU B 45 20.37 -13.69 12.80
C GLU B 45 19.58 -12.42 12.65
N ARG B 46 18.60 -12.25 13.51
CA ARG B 46 17.71 -11.12 13.42
C ARG B 46 18.47 -9.79 13.47
N ILE B 47 18.18 -8.90 12.52
CA ILE B 47 18.77 -7.57 12.49
C ILE B 47 17.94 -6.72 13.45
N GLU B 48 18.59 -6.06 14.38
CA GLU B 48 17.83 -5.37 15.41
C GLU B 48 17.21 -4.05 14.98
N LYS B 49 17.88 -3.29 14.13
CA LYS B 49 17.37 -1.94 13.91
C LYS B 49 16.46 -1.86 12.70
N VAL B 50 15.39 -2.65 12.71
CA VAL B 50 14.52 -2.72 11.55
C VAL B 50 13.27 -1.91 11.80
N GLU B 51 12.90 -1.10 10.83
CA GLU B 51 11.71 -0.29 10.96
C GLU B 51 10.69 -0.72 9.94
N HIS B 52 9.45 -0.30 10.10
CA HIS B 52 8.48 -0.67 9.10
C HIS B 52 7.50 0.46 8.87
N SER B 53 6.84 0.41 7.72
CA SER B 53 5.85 1.43 7.37
C SER B 53 4.59 1.25 8.20
N ASP B 54 3.67 2.20 8.08
CA ASP B 54 2.44 2.10 8.85
C ASP B 54 1.48 1.24 8.07
N LEU B 55 0.78 0.39 8.77
CA LEU B 55 -0.17 -0.52 8.14
C LEU B 55 -1.05 0.23 7.15
N SER B 56 -1.10 -0.26 5.94
CA SER B 56 -2.04 0.26 5.00
C SER B 56 -2.57 -0.92 4.21
N PHE B 57 -3.36 -0.65 3.20
CA PHE B 57 -3.95 -1.75 2.46
C PHE B 57 -4.34 -1.37 1.07
N SER B 58 -4.60 -2.41 0.31
CA SER B 58 -4.83 -2.33 -1.11
C SER B 58 -6.31 -2.28 -1.36
N LYS B 59 -6.68 -2.12 -2.62
CA LYS B 59 -8.07 -2.02 -3.01
C LYS B 59 -8.87 -3.23 -2.53
N ASP B 60 -8.26 -4.40 -2.57
CA ASP B 60 -8.98 -5.60 -2.12
C ASP B 60 -8.96 -5.76 -0.62
N TRP B 61 -8.51 -4.72 0.11
CA TRP B 61 -8.47 -4.72 1.59
C TRP B 61 -7.25 -5.48 2.19
N SER B 62 -6.48 -6.16 1.36
CA SER B 62 -5.32 -6.88 1.88
C SER B 62 -4.24 -5.87 2.28
N PHE B 63 -3.54 -6.19 3.36
CA PHE B 63 -2.59 -5.32 3.95
C PHE B 63 -1.23 -5.40 3.32
N TYR B 64 -0.47 -4.31 3.46
CA TYR B 64 0.88 -4.37 3.03
C TYR B 64 1.73 -3.56 4.01
N LEU B 65 2.96 -4.00 4.17
CA LEU B 65 3.89 -3.28 5.02
C LEU B 65 5.28 -3.41 4.38
N LEU B 66 6.11 -2.43 4.62
CA LEU B 66 7.48 -2.48 4.19
C LEU B 66 8.31 -2.49 5.47
N TYR B 67 9.20 -3.47 5.60
CA TYR B 67 10.13 -3.50 6.72
C TYR B 67 11.47 -3.18 6.11
N TYR B 68 12.28 -2.39 6.79
CA TYR B 68 13.53 -2.03 6.15
C TYR B 68 14.60 -1.70 7.14
N THR B 69 15.83 -1.83 6.68
CA THR B 69 16.94 -1.52 7.54
C THR B 69 18.12 -1.15 6.63
N GLU B 70 18.96 -0.29 7.13
CA GLU B 70 20.14 0.08 6.39
C GLU B 70 21.05 -1.15 6.43
N PHE B 71 21.78 -1.38 5.36
CA PHE B 71 22.74 -2.48 5.37
C PHE B 71 23.77 -2.27 4.31
N THR B 72 24.89 -2.98 4.42
CA THR B 72 25.97 -2.87 3.45
C THR B 72 26.26 -4.25 2.98
N PRO B 73 25.76 -4.58 1.81
CA PRO B 73 25.92 -5.94 1.28
C PRO B 73 27.38 -6.23 1.04
N THR B 74 27.75 -7.50 1.14
CA THR B 74 29.09 -7.94 0.83
C THR B 74 28.94 -9.19 0.02
N GLU B 75 30.04 -9.69 -0.51
CA GLU B 75 29.95 -10.90 -1.28
C GLU B 75 29.55 -12.10 -0.40
N LYS B 76 30.00 -12.08 0.83
CA LYS B 76 29.86 -13.21 1.76
C LYS B 76 28.59 -13.23 2.59
N ASP B 77 28.10 -12.06 2.97
CA ASP B 77 26.95 -11.96 3.87
C ASP B 77 25.64 -12.32 3.23
N GLU B 78 24.84 -13.10 3.94
CA GLU B 78 23.57 -13.52 3.43
C GLU B 78 22.49 -12.77 4.18
N TYR B 79 21.44 -12.39 3.49
CA TYR B 79 20.39 -11.68 4.15
C TYR B 79 19.11 -12.37 3.80
N ALA B 80 18.11 -12.18 4.65
CA ALA B 80 16.83 -12.83 4.39
C ALA B 80 15.75 -12.11 5.18
N CYS B 81 14.50 -12.43 4.88
CA CYS B 81 13.41 -11.88 5.58
C CYS B 81 12.69 -13.09 6.09
N ARG B 82 12.25 -13.03 7.34
CA ARG B 82 11.55 -14.12 7.94
C ARG B 82 10.17 -13.60 8.32
N VAL B 83 9.15 -14.29 7.85
CA VAL B 83 7.80 -13.83 8.06
C VAL B 83 6.96 -14.88 8.74
N ASN B 84 6.23 -14.46 9.75
CA ASN B 84 5.28 -15.38 10.32
C ASN B 84 3.95 -14.70 10.28
N HIS B 85 2.89 -15.49 10.20
CA HIS B 85 1.54 -14.99 10.03
C HIS B 85 0.65 -16.15 10.45
N VAL B 86 -0.57 -15.83 10.84
CA VAL B 86 -1.46 -16.91 11.26
C VAL B 86 -1.61 -17.96 10.19
N THR B 87 -1.51 -17.57 8.94
CA THR B 87 -1.67 -18.54 7.85
C THR B 87 -0.47 -19.44 7.62
N LEU B 88 0.64 -19.14 8.29
CA LEU B 88 1.83 -19.93 8.11
C LEU B 88 2.01 -20.80 9.33
N SER B 89 2.17 -22.09 9.09
CA SER B 89 2.43 -23.02 10.17
C SER B 89 3.83 -22.74 10.76
N GLN B 90 4.78 -22.32 9.93
CA GLN B 90 6.12 -22.00 10.46
C GLN B 90 6.59 -20.76 9.80
N PRO B 91 7.59 -20.08 10.35
CA PRO B 91 8.03 -18.85 9.72
C PRO B 91 8.56 -19.17 8.34
N LYS B 92 8.28 -18.26 7.43
CA LYS B 92 8.73 -18.42 6.07
C LYS B 92 9.92 -17.52 5.84
N ILE B 93 10.96 -18.06 5.23
CA ILE B 93 12.15 -17.28 5.02
C ILE B 93 12.35 -17.16 3.54
N VAL B 94 12.51 -15.93 3.12
CA VAL B 94 12.81 -15.64 1.74
C VAL B 94 14.20 -15.01 1.73
N LYS B 95 15.13 -15.63 1.00
CA LYS B 95 16.50 -15.12 0.97
C LYS B 95 16.61 -13.91 0.07
N TRP B 96 17.47 -12.96 0.44
CA TRP B 96 17.69 -11.82 -0.42
C TRP B 96 18.57 -12.29 -1.56
N ASP B 97 18.13 -12.00 -2.76
CA ASP B 97 18.94 -12.31 -3.95
C ASP B 97 19.11 -10.95 -4.61
N ARG B 98 20.33 -10.48 -4.71
CA ARG B 98 20.55 -9.16 -5.30
C ARG B 98 20.09 -9.00 -6.75
N ASP B 99 19.84 -10.12 -7.41
CA ASP B 99 19.42 -10.09 -8.81
C ASP B 99 17.88 -10.10 -8.94
N MET B 100 17.15 -9.95 -7.83
CA MET B 100 15.70 -10.01 -7.90
C MET B 100 15.01 -8.97 -7.04
N ARG C 1 -7.59 16.75 3.53
CA ARG C 1 -7.96 16.73 4.98
C ARG C 1 -9.21 15.88 5.20
N ARG C 2 -9.32 15.39 6.41
CA ARG C 2 -10.29 14.37 6.70
C ARG C 2 -11.72 14.88 6.80
N LEU C 3 -12.60 13.94 6.60
CA LEU C 3 -14.02 14.20 6.75
C LEU C 3 -14.35 14.31 8.23
N LEU C 4 -15.08 15.34 8.58
CA LEU C 4 -15.51 15.52 9.95
C LEU C 4 -17.01 15.30 9.94
N ARG C 5 -17.48 14.24 10.57
CA ARG C 5 -18.96 14.15 10.66
C ARG C 5 -19.31 13.31 11.85
N GLY C 6 -20.62 13.21 12.12
CA GLY C 6 -21.09 12.41 13.25
C GLY C 6 -20.83 10.93 13.01
N HIS C 7 -21.09 10.13 14.02
CA HIS C 7 -20.95 8.70 13.96
C HIS C 7 -22.30 8.10 13.63
N ASN C 8 -22.33 7.13 12.71
CA ASN C 8 -23.59 6.44 12.43
C ASN C 8 -23.37 5.02 12.79
N GLN C 9 -24.17 4.56 13.72
CA GLN C 9 -24.08 3.19 14.16
C GLN C 9 -24.29 2.26 12.96
N TYR C 10 -23.70 1.09 13.04
CA TYR C 10 -23.89 0.07 12.04
C TYR C 10 -25.22 -0.64 12.30
#